data_5E9J
#
_entry.id   5E9J
#
_cell.length_a   70.760
_cell.length_b   114.380
_cell.length_c   134.810
_cell.angle_alpha   90.00
_cell.angle_beta   90.00
_cell.angle_gamma   90.00
#
_symmetry.space_group_name_H-M   'P 21 21 21'
#
loop_
_entity.id
_entity.type
_entity.pdbx_description
1 polymer 'mRNA cap guanine-N7 methyltransferase,mRNA cap guanine-N7 methyltransferase'
2 non-polymer S-ADENOSYL-L-HOMOCYSTEINE
#
_entity_poly.entity_id   1
_entity_poly.type   'polypeptide(L)'
_entity_poly.pdbx_seq_one_letter_code
;SRIFYLRNFNNWMKSVLIGEFLEKVRQKKKRDITVLDLGCGKGGDLLKWKKGRINKLVCTDIADVSVKQCQQRYEDMKNR
RDSEYIFSAEFITADSSKELLIDKFRDPQMCFDICSCQFVCHYSFESYEQADMMLRNACERLSPGGYFIGTTPNSFELIR
RLEASETESFGNEIYTVKFQKKGDYPLFGCKYDFNLEGVVDVPEFLVYFPLLNEMAKKYNMKLVYKKTFLEFYEEKIKNN
ENKMLLKRMQGGSGSKSEWEATSIYLVFAFEKQQ
;
_entity_poly.pdbx_strand_id   A,B
#
# COMPACT_ATOMS: atom_id res chain seq x y z
N SER A 1 30.37 -19.01 -2.00
CA SER A 1 30.99 -18.81 -3.31
C SER A 1 29.99 -18.22 -4.31
N ARG A 2 28.88 -18.92 -4.52
CA ARG A 2 27.80 -18.47 -5.42
C ARG A 2 27.33 -17.07 -5.09
N ILE A 3 27.13 -16.81 -3.80
CA ILE A 3 26.49 -15.59 -3.30
C ILE A 3 27.51 -14.52 -2.88
N PHE A 4 28.78 -14.79 -3.15
CA PHE A 4 29.90 -13.98 -2.65
C PHE A 4 29.69 -12.46 -2.78
N TYR A 5 29.60 -11.97 -4.00
CA TYR A 5 29.44 -10.54 -4.25
C TYR A 5 28.21 -9.93 -3.57
N LEU A 6 27.16 -10.72 -3.42
CA LEU A 6 25.93 -10.23 -2.79
C LEU A 6 26.13 -10.10 -1.27
N ARG A 7 26.80 -11.08 -0.67
CA ARG A 7 27.15 -11.04 0.74
C ARG A 7 27.95 -9.78 1.07
N ASN A 8 28.95 -9.52 0.25
CA ASN A 8 29.82 -8.35 0.40
C ASN A 8 29.04 -7.05 0.38
N PHE A 9 28.13 -6.93 -0.60
CA PHE A 9 27.38 -5.70 -0.81
C PHE A 9 26.55 -5.29 0.40
N ASN A 10 25.84 -6.23 1.01
CA ASN A 10 24.96 -5.92 2.14
C ASN A 10 25.74 -5.38 3.34
N ASN A 11 26.95 -5.89 3.52
CA ASN A 11 27.81 -5.40 4.60
C ASN A 11 28.48 -4.09 4.25
N TRP A 12 28.64 -3.83 2.95
CA TRP A 12 29.09 -2.53 2.48
C TRP A 12 27.94 -1.53 2.66
N MET A 13 26.75 -1.95 2.24
CA MET A 13 25.55 -1.13 2.35
C MET A 13 25.24 -0.81 3.81
N LYS A 14 25.36 -1.80 4.68
CA LYS A 14 25.09 -1.60 6.11
C LYS A 14 26.14 -0.72 6.77
N SER A 15 27.39 -0.84 6.33
CA SER A 15 28.47 -0.03 6.88
C SER A 15 28.32 1.43 6.48
N VAL A 16 28.05 1.67 5.21
CA VAL A 16 27.87 3.03 4.71
C VAL A 16 26.62 3.67 5.33
N LEU A 17 25.58 2.87 5.52
CA LEU A 17 24.34 3.33 6.14
C LEU A 17 24.56 3.75 7.60
N ILE A 18 25.21 2.88 8.36
CA ILE A 18 25.53 3.14 9.76
C ILE A 18 26.51 4.31 9.89
N GLY A 19 27.54 4.29 9.06
CA GLY A 19 28.54 5.34 9.08
C GLY A 19 27.95 6.72 8.84
N GLU A 20 26.98 6.80 7.95
CA GLU A 20 26.33 8.07 7.62
C GLU A 20 25.57 8.61 8.83
N PHE A 21 24.77 7.76 9.46
CA PHE A 21 23.90 8.19 10.55
C PHE A 21 24.63 8.31 11.89
N LEU A 22 25.78 7.65 12.02
CA LEU A 22 26.59 7.81 13.20
C LEU A 22 27.24 9.18 13.20
N GLU A 23 27.44 9.74 12.00
CA GLU A 23 27.95 11.08 11.86
C GLU A 23 26.87 12.11 12.21
N LYS A 24 25.65 11.86 11.76
CA LYS A 24 24.54 12.76 12.04
C LYS A 24 24.23 12.80 13.54
N VAL A 25 24.43 11.68 14.22
CA VAL A 25 24.28 11.62 15.66
C VAL A 25 25.44 12.33 16.35
N ARG A 26 26.64 12.14 15.83
CA ARG A 26 27.83 12.76 16.40
C ARG A 26 27.81 14.28 16.24
N GLN A 27 26.96 14.77 15.34
CA GLN A 27 26.75 16.20 15.19
C GLN A 27 25.90 16.73 16.33
N LYS A 28 25.41 15.81 17.18
CA LYS A 28 24.57 16.17 18.32
C LYS A 28 25.12 15.65 19.64
N LYS A 29 25.13 14.32 19.81
CA LYS A 29 25.60 13.72 21.05
C LYS A 29 27.12 13.77 21.15
N LYS A 30 27.80 12.99 20.30
CA LYS A 30 29.26 12.87 20.37
C LYS A 30 29.74 12.42 21.76
N ARG A 31 28.93 11.60 22.43
CA ARG A 31 29.26 11.02 23.73
C ARG A 31 28.13 10.10 24.21
N ASP A 32 28.47 9.13 25.07
CA ASP A 32 27.54 8.09 25.54
C ASP A 32 26.57 7.67 24.44
N ILE A 33 27.10 7.07 23.38
CA ILE A 33 26.25 6.71 22.24
C ILE A 33 25.64 5.33 22.43
N THR A 34 24.31 5.30 22.54
CA THR A 34 23.60 4.07 22.84
C THR A 34 22.85 3.60 21.59
N VAL A 35 22.96 2.31 21.28
CA VAL A 35 22.37 1.75 20.08
C VAL A 35 21.63 0.44 20.33
N LEU A 36 20.49 0.26 19.67
CA LEU A 36 19.71 -0.97 19.74
C LEU A 36 19.71 -1.69 18.38
N ASP A 37 20.34 -2.85 18.30
CA ASP A 37 20.30 -3.66 17.09
C ASP A 37 19.16 -4.67 17.21
N LEU A 38 18.11 -4.47 16.42
CA LEU A 38 16.96 -5.36 16.43
C LEU A 38 17.17 -6.50 15.45
N GLY A 39 17.02 -7.73 15.93
CA GLY A 39 17.30 -8.89 15.10
C GLY A 39 18.78 -8.92 14.78
N CYS A 40 19.59 -8.82 15.83
CA CYS A 40 21.03 -8.73 15.68
C CYS A 40 21.61 -9.95 14.99
N GLY A 41 20.93 -11.08 15.11
CA GLY A 41 21.38 -12.31 14.48
C GLY A 41 22.57 -12.90 15.21
N LYS A 42 23.55 -13.37 14.47
CA LYS A 42 24.70 -14.00 15.08
C LYS A 42 25.79 -12.99 15.27
N GLY A 43 25.43 -11.73 15.17
CA GLY A 43 26.40 -10.65 15.19
C GLY A 43 26.78 -10.33 13.76
N GLY A 44 27.95 -9.74 13.57
CA GLY A 44 28.41 -9.36 12.24
C GLY A 44 28.26 -7.88 12.00
N ASP A 45 27.33 -7.27 12.73
CA ASP A 45 27.26 -5.82 12.79
C ASP A 45 28.15 -5.34 13.94
N LEU A 46 28.62 -6.28 14.75
CA LEU A 46 29.49 -5.98 15.88
C LEU A 46 30.73 -5.21 15.46
N LEU A 47 31.45 -5.74 14.46
CA LEU A 47 32.68 -5.10 14.00
C LEU A 47 32.36 -3.76 13.32
N LYS A 48 31.14 -3.63 12.82
CA LYS A 48 30.69 -2.37 12.25
C LYS A 48 30.49 -1.33 13.35
N TRP A 49 29.86 -1.74 14.44
CA TRP A 49 29.60 -0.85 15.56
C TRP A 49 30.88 -0.49 16.32
N LYS A 50 31.84 -1.41 16.35
CA LYS A 50 33.13 -1.11 16.97
C LYS A 50 33.87 -0.07 16.14
N LYS A 51 33.78 -0.20 14.83
CA LYS A 51 34.41 0.76 13.91
C LYS A 51 33.89 2.18 14.16
N GLY A 52 32.61 2.29 14.47
CA GLY A 52 32.00 3.59 14.71
C GLY A 52 32.16 4.08 16.14
N ARG A 53 32.84 3.27 16.97
CA ARG A 53 33.08 3.61 18.37
C ARG A 53 31.79 3.93 19.12
N ILE A 54 30.96 2.91 19.28
CA ILE A 54 29.74 3.03 20.06
C ILE A 54 30.04 2.78 21.53
N ASN A 55 29.39 3.55 22.40
CA ASN A 55 29.60 3.37 23.84
C ASN A 55 28.71 2.28 24.45
N LYS A 56 27.60 1.97 23.79
CA LYS A 56 26.73 0.89 24.24
C LYS A 56 25.95 0.25 23.09
N LEU A 57 25.74 -1.06 23.17
CA LEU A 57 24.98 -1.77 22.14
C LEU A 57 24.07 -2.82 22.75
N VAL A 58 22.79 -2.76 22.38
CA VAL A 58 21.82 -3.76 22.83
C VAL A 58 21.46 -4.67 21.67
N CYS A 59 21.91 -5.92 21.73
CA CYS A 59 21.64 -6.89 20.68
C CYS A 59 20.50 -7.81 21.08
N THR A 60 19.47 -7.87 20.23
CA THR A 60 18.31 -8.71 20.49
C THR A 60 17.84 -9.46 19.24
N ASP A 61 17.52 -10.74 19.42
CA ASP A 61 16.98 -11.59 18.36
C ASP A 61 16.04 -12.61 19.00
N ILE A 62 15.02 -13.03 18.27
CA ILE A 62 14.05 -13.99 18.81
C ILE A 62 14.67 -15.37 18.97
N ALA A 63 15.66 -15.68 18.13
CA ALA A 63 16.38 -16.94 18.25
C ALA A 63 17.41 -16.84 19.37
N ASP A 64 17.27 -17.69 20.39
CA ASP A 64 18.18 -17.67 21.53
C ASP A 64 19.58 -18.11 21.11
N VAL A 65 19.65 -18.94 20.07
CA VAL A 65 20.93 -19.41 19.55
C VAL A 65 21.74 -18.25 18.99
N SER A 66 21.10 -17.44 18.16
CA SER A 66 21.74 -16.30 17.53
C SER A 66 22.24 -15.29 18.57
N VAL A 67 21.47 -15.10 19.64
CA VAL A 67 21.84 -14.15 20.68
C VAL A 67 23.07 -14.61 21.46
N LYS A 68 23.03 -15.83 21.97
CA LYS A 68 24.17 -16.42 22.66
C LYS A 68 25.38 -16.52 21.72
N GLN A 69 25.09 -16.77 20.44
CA GLN A 69 26.13 -16.85 19.42
C GLN A 69 26.75 -15.47 19.20
N CYS A 70 25.89 -14.47 19.08
CA CYS A 70 26.35 -13.08 18.92
C CYS A 70 27.15 -12.62 20.12
N GLN A 71 26.79 -13.10 21.30
CA GLN A 71 27.46 -12.69 22.53
C GLN A 71 28.91 -13.17 22.57
N GLN A 72 29.18 -14.31 21.92
CA GLN A 72 30.53 -14.84 21.88
C GLN A 72 31.43 -14.03 20.94
N ARG A 73 30.85 -13.55 19.84
CA ARG A 73 31.57 -12.67 18.92
C ARG A 73 32.04 -11.42 19.64
N TYR A 74 31.15 -10.84 20.44
CA TYR A 74 31.46 -9.68 21.25
C TYR A 74 32.60 -10.00 22.21
N GLU A 75 32.46 -11.10 22.96
CA GLU A 75 33.46 -11.50 23.94
C GLU A 75 34.80 -11.76 23.29
N ASP A 76 34.78 -12.37 22.11
CA ASP A 76 36.00 -12.67 21.39
C ASP A 76 36.74 -11.39 21.03
N MET A 77 36.00 -10.42 20.47
CA MET A 77 36.55 -9.12 20.14
C MET A 77 36.99 -8.40 21.40
N LYS A 78 36.18 -8.51 22.43
CA LYS A 78 36.41 -7.83 23.71
C LYS A 78 37.67 -8.32 24.43
N ASN A 79 37.94 -9.62 24.37
CA ASN A 79 38.96 -10.25 25.22
C ASN A 79 40.39 -10.27 24.67
N ARG A 80 40.64 -9.60 23.55
CA ARG A 80 42.01 -9.38 23.11
C ARG A 80 42.75 -8.65 24.22
N ARG A 81 44.05 -8.88 24.36
CA ARG A 81 44.80 -8.22 25.43
C ARG A 81 45.14 -6.79 25.02
N ASP A 82 44.65 -6.36 23.87
CA ASP A 82 44.98 -5.07 23.27
C ASP A 82 44.39 -3.88 24.02
N SER A 83 44.64 -2.68 23.52
CA SER A 83 44.06 -1.49 24.12
C SER A 83 42.61 -1.24 23.65
N GLU A 84 42.27 -1.74 22.46
CA GLU A 84 41.10 -1.24 21.75
C GLU A 84 39.82 -1.23 22.60
N TYR A 85 39.23 -0.04 22.73
CA TYR A 85 38.00 0.14 23.50
C TYR A 85 36.81 -0.41 22.72
N ILE A 86 35.95 -1.16 23.40
CA ILE A 86 34.76 -1.72 22.78
C ILE A 86 33.52 -1.23 23.52
N PHE A 87 32.42 -1.08 22.79
CA PHE A 87 31.15 -0.67 23.38
C PHE A 87 30.73 -1.59 24.52
N SER A 88 30.15 -1.02 25.56
CA SER A 88 29.47 -1.83 26.57
C SER A 88 28.26 -2.45 25.89
N ALA A 89 28.10 -3.76 26.00
CA ALA A 89 27.02 -4.40 25.26
C ALA A 89 25.95 -4.96 26.19
N GLU A 90 24.87 -5.45 25.59
CA GLU A 90 23.78 -6.09 26.30
C GLU A 90 23.16 -7.08 25.34
N PHE A 91 22.74 -8.23 25.86
CA PHE A 91 22.18 -9.27 24.99
C PHE A 91 20.84 -9.76 25.51
N ILE A 92 19.80 -9.54 24.71
CA ILE A 92 18.43 -9.85 25.10
C ILE A 92 17.74 -10.73 24.07
N THR A 93 17.34 -11.92 24.49
CA THR A 93 16.58 -12.81 23.61
C THR A 93 15.09 -12.61 23.83
N ALA A 94 14.43 -12.05 22.82
CA ALA A 94 13.00 -11.77 22.91
C ALA A 94 12.39 -11.65 21.52
N ASP A 95 11.07 -11.82 21.45
CA ASP A 95 10.36 -11.59 20.20
C ASP A 95 9.89 -10.14 20.21
N SER A 96 10.50 -9.31 19.39
CA SER A 96 10.27 -7.88 19.46
C SER A 96 8.93 -7.48 18.83
N SER A 97 8.32 -8.44 18.13
CA SER A 97 6.97 -8.22 17.60
C SER A 97 5.93 -8.47 18.68
N LYS A 98 6.12 -9.53 19.45
CA LYS A 98 5.21 -9.89 20.53
C LYS A 98 5.67 -9.52 21.95
N GLU A 99 6.86 -8.96 22.11
CA GLU A 99 7.35 -8.61 23.45
C GLU A 99 7.75 -7.15 23.57
N LEU A 100 7.78 -6.66 24.80
CA LEU A 100 8.19 -5.30 25.08
C LEU A 100 9.61 -5.29 25.63
N LEU A 101 10.55 -4.81 24.83
CA LEU A 101 11.98 -4.82 25.18
C LEU A 101 12.27 -3.98 26.41
N ILE A 102 11.42 -2.99 26.67
CA ILE A 102 11.59 -2.09 27.80
C ILE A 102 11.63 -2.84 29.13
N ASP A 103 10.95 -3.98 29.19
CA ASP A 103 10.90 -4.79 30.40
C ASP A 103 12.18 -5.59 30.59
N LYS A 104 12.85 -5.91 29.48
CA LYS A 104 14.04 -6.76 29.52
C LYS A 104 15.34 -5.96 29.62
N PHE A 105 15.28 -4.64 29.51
CA PHE A 105 16.47 -3.81 29.61
C PHE A 105 17.05 -3.85 31.03
N ARG A 106 18.37 -3.81 31.12
CA ARG A 106 19.05 -3.67 32.41
C ARG A 106 18.61 -2.36 33.03
N ASP A 107 18.70 -1.28 32.24
CA ASP A 107 18.10 -0.01 32.60
C ASP A 107 16.83 0.18 31.78
N PRO A 108 15.66 0.05 32.41
CA PRO A 108 14.37 0.18 31.73
C PRO A 108 14.07 1.61 31.28
N GLN A 109 14.79 2.57 31.83
CA GLN A 109 14.62 3.97 31.48
C GLN A 109 15.60 4.34 30.36
N MET A 110 16.27 3.33 29.83
CA MET A 110 17.27 3.48 28.77
C MET A 110 16.76 4.24 27.55
N CYS A 111 17.64 5.05 26.95
CA CYS A 111 17.35 5.73 25.69
C CYS A 111 18.38 5.37 24.63
N PHE A 112 17.96 5.41 23.36
CA PHE A 112 18.85 5.06 22.25
C PHE A 112 19.06 6.21 21.30
N ASP A 113 20.30 6.39 20.84
CA ASP A 113 20.62 7.35 19.80
C ASP A 113 20.29 6.76 18.43
N ILE A 114 20.44 5.45 18.29
CA ILE A 114 20.18 4.75 17.04
C ILE A 114 19.53 3.39 17.26
N CYS A 115 18.58 3.05 16.40
CA CYS A 115 17.99 1.71 16.38
C CYS A 115 18.17 1.11 14.99
N SER A 116 18.92 0.02 14.91
CA SER A 116 19.20 -0.61 13.63
C SER A 116 18.43 -1.91 13.44
N CYS A 117 17.48 -1.89 12.50
CA CYS A 117 16.79 -3.11 12.08
C CYS A 117 17.24 -3.51 10.68
N GLN A 118 18.08 -4.53 10.58
CA GLN A 118 18.63 -4.92 9.29
C GLN A 118 18.02 -6.23 8.82
N PHE A 119 17.17 -6.14 7.79
CA PHE A 119 16.50 -7.30 7.22
C PHE A 119 15.70 -8.04 8.27
N VAL A 120 14.94 -7.27 9.05
CA VAL A 120 14.16 -7.79 10.17
C VAL A 120 12.69 -7.40 10.04
N CYS A 121 12.45 -6.10 9.93
CA CYS A 121 11.12 -5.52 10.07
C CYS A 121 10.02 -6.23 9.27
N HIS A 122 10.36 -6.78 8.12
CA HIS A 122 9.37 -7.50 7.31
C HIS A 122 8.78 -8.72 8.02
N TYR A 123 9.49 -9.23 9.02
CA TYR A 123 9.01 -10.38 9.79
C TYR A 123 7.88 -10.00 10.75
N SER A 124 7.80 -8.73 11.10
CA SER A 124 6.87 -8.26 12.12
C SER A 124 5.45 -8.01 11.59
N PHE A 125 5.29 -8.08 10.27
CA PHE A 125 4.06 -7.65 9.63
C PHE A 125 3.03 -8.77 9.49
N GLU A 126 3.31 -9.91 10.11
CA GLU A 126 2.34 -11.00 10.22
C GLU A 126 0.97 -10.48 10.67
N SER A 127 0.98 -9.50 11.56
CA SER A 127 -0.24 -8.83 12.00
C SER A 127 0.05 -7.39 12.42
N TYR A 128 -0.98 -6.57 12.52
CA TYR A 128 -0.84 -5.19 12.95
C TYR A 128 -0.21 -5.09 14.34
N GLU A 129 -0.78 -5.83 15.29
CA GLU A 129 -0.29 -5.82 16.66
C GLU A 129 1.20 -6.13 16.73
N GLN A 130 1.63 -7.13 15.96
CA GLN A 130 3.04 -7.49 15.89
C GLN A 130 3.87 -6.40 15.20
N ALA A 131 3.38 -5.93 14.06
CA ALA A 131 4.07 -4.93 13.28
C ALA A 131 4.22 -3.61 14.04
N ASP A 132 3.22 -3.30 14.87
CA ASP A 132 3.25 -2.06 15.66
C ASP A 132 4.19 -2.18 16.85
N MET A 133 4.19 -3.36 17.48
CA MET A 133 5.05 -3.58 18.65
C MET A 133 6.53 -3.54 18.29
N MET A 134 6.86 -3.97 17.08
CA MET A 134 8.25 -3.91 16.62
C MET A 134 8.68 -2.46 16.46
N LEU A 135 7.83 -1.66 15.81
CA LEU A 135 8.08 -0.23 15.67
C LEU A 135 8.18 0.41 17.05
N ARG A 136 7.36 -0.08 17.98
CA ARG A 136 7.36 0.45 19.35
C ARG A 136 8.69 0.22 20.03
N ASN A 137 9.13 -1.04 20.09
CA ASN A 137 10.40 -1.37 20.71
C ASN A 137 11.54 -0.53 20.15
N ALA A 138 11.59 -0.44 18.82
CA ALA A 138 12.56 0.38 18.12
C ALA A 138 12.46 1.86 18.49
N CYS A 139 11.37 2.49 18.06
CA CYS A 139 11.25 3.94 18.06
C CYS A 139 10.85 4.60 19.38
N GLU A 140 10.22 3.85 20.27
CA GLU A 140 9.71 4.44 21.52
C GLU A 140 10.85 4.91 22.41
N ARG A 141 11.99 4.25 22.32
CA ARG A 141 13.12 4.56 23.19
C ARG A 141 14.12 5.50 22.54
N LEU A 142 13.86 5.89 21.30
CA LEU A 142 14.71 6.87 20.64
C LEU A 142 14.55 8.24 21.29
N SER A 143 15.63 8.80 21.79
CA SER A 143 15.61 10.18 22.26
C SER A 143 15.49 11.06 21.04
N PRO A 144 14.83 12.23 21.18
CA PRO A 144 14.56 13.10 20.04
C PRO A 144 15.83 13.45 19.25
N GLY A 145 15.77 13.27 17.93
CA GLY A 145 16.92 13.48 17.08
C GLY A 145 17.58 12.16 16.75
N GLY A 146 17.19 11.11 17.46
CA GLY A 146 17.68 9.77 17.21
C GLY A 146 17.10 9.20 15.94
N TYR A 147 17.72 8.13 15.43
CA TYR A 147 17.33 7.57 14.13
C TYR A 147 16.89 6.12 14.21
N PHE A 148 15.86 5.80 13.44
CA PHE A 148 15.43 4.43 13.21
C PHE A 148 15.82 4.05 11.79
N ILE A 149 16.82 3.19 11.65
CA ILE A 149 17.36 2.84 10.34
C ILE A 149 17.22 1.35 10.04
N GLY A 150 17.12 1.00 8.77
CA GLY A 150 17.01 -0.40 8.41
C GLY A 150 16.78 -0.74 6.95
N THR A 151 16.58 -2.03 6.70
CA THR A 151 16.39 -2.54 5.35
C THR A 151 15.30 -3.62 5.28
N THR A 152 14.38 -3.46 4.33
CA THR A 152 13.29 -4.41 4.10
C THR A 152 12.98 -4.50 2.61
N PRO A 153 12.32 -5.58 2.19
CA PRO A 153 11.88 -5.76 0.80
C PRO A 153 11.02 -4.61 0.31
N ASN A 154 11.09 -4.30 -0.98
CA ASN A 154 10.44 -3.11 -1.52
C ASN A 154 8.91 -3.18 -1.47
N SER A 155 8.37 -4.27 -2.02
CA SER A 155 6.93 -4.60 -2.06
C SER A 155 6.21 -3.93 -3.24
N PHE A 156 6.86 -2.96 -3.88
CA PHE A 156 6.48 -2.58 -5.24
C PHE A 156 7.15 -3.60 -6.15
N GLU A 157 8.41 -3.88 -5.84
CA GLU A 157 9.26 -4.69 -6.71
C GLU A 157 8.95 -6.17 -6.53
N LEU A 158 8.62 -6.56 -5.31
CA LEU A 158 8.23 -7.93 -5.02
C LEU A 158 7.00 -8.36 -5.83
N ILE A 159 5.93 -7.58 -5.75
CA ILE A 159 4.70 -7.92 -6.44
C ILE A 159 4.88 -7.83 -7.95
N ARG A 160 5.65 -6.84 -8.39
CA ARG A 160 5.95 -6.67 -9.81
C ARG A 160 6.50 -7.95 -10.43
N ARG A 161 7.37 -8.65 -9.72
CA ARG A 161 7.97 -9.88 -10.22
C ARG A 161 6.97 -11.04 -10.11
N LEU A 162 6.15 -11.00 -9.07
CA LEU A 162 5.13 -12.01 -8.85
C LEU A 162 4.06 -11.98 -9.95
N GLU A 163 3.59 -10.78 -10.28
CA GLU A 163 2.56 -10.61 -11.30
C GLU A 163 3.09 -10.97 -12.68
N ALA A 164 4.39 -10.78 -12.88
CA ALA A 164 5.03 -11.14 -14.14
C ALA A 164 5.19 -12.66 -14.23
N SER A 165 5.44 -13.29 -13.09
CA SER A 165 5.60 -14.74 -13.02
C SER A 165 4.31 -15.47 -13.37
N GLU A 166 4.46 -16.68 -13.90
CA GLU A 166 3.30 -17.49 -14.27
C GLU A 166 2.71 -18.17 -13.04
N THR A 167 3.57 -18.71 -12.19
CA THR A 167 3.15 -19.31 -10.93
C THR A 167 3.33 -18.31 -9.79
N GLU A 168 3.10 -18.80 -8.59
CA GLU A 168 3.23 -17.98 -7.42
C GLU A 168 4.69 -17.75 -7.10
N SER A 169 5.55 -18.71 -7.44
CA SER A 169 6.99 -18.61 -7.26
C SER A 169 7.65 -17.74 -8.33
N PHE A 170 8.75 -17.10 -7.98
CA PHE A 170 9.57 -16.38 -8.96
C PHE A 170 10.99 -16.24 -8.45
N GLY A 171 11.93 -15.99 -9.36
CA GLY A 171 13.31 -15.80 -8.97
C GLY A 171 14.32 -16.25 -10.02
N ASN A 172 15.51 -16.59 -9.56
CA ASN A 172 16.57 -17.10 -10.43
C ASN A 172 17.39 -18.19 -9.74
N GLU A 173 18.52 -18.55 -10.32
CA GLU A 173 19.32 -19.65 -9.78
C GLU A 173 19.84 -19.36 -8.36
N ILE A 174 20.05 -18.09 -8.02
CA ILE A 174 20.60 -17.75 -6.72
C ILE A 174 19.54 -17.51 -5.63
N TYR A 175 18.28 -17.34 -6.01
CA TYR A 175 17.22 -17.13 -5.02
C TYR A 175 15.83 -17.50 -5.55
N THR A 176 14.92 -17.84 -4.64
CA THR A 176 13.55 -18.16 -5.01
C THR A 176 12.55 -17.59 -4.02
N VAL A 177 11.56 -16.86 -4.53
CA VAL A 177 10.52 -16.28 -3.69
C VAL A 177 9.19 -16.93 -4.01
N LYS A 178 8.56 -17.53 -2.99
CA LYS A 178 7.30 -18.22 -3.19
C LYS A 178 6.18 -17.63 -2.34
N PHE A 179 5.21 -17.00 -2.99
CA PHE A 179 4.02 -16.49 -2.31
C PHE A 179 3.03 -17.62 -2.11
N GLN A 180 2.28 -17.56 -1.01
CA GLN A 180 1.26 -18.58 -0.76
C GLN A 180 0.04 -18.35 -1.65
N LYS A 181 -0.26 -17.09 -1.93
CA LYS A 181 -1.30 -16.74 -2.90
C LYS A 181 -0.94 -15.48 -3.69
N LYS A 182 -1.14 -15.54 -5.00
CA LYS A 182 -0.97 -14.37 -5.88
C LYS A 182 -2.21 -13.50 -5.97
N GLY A 183 -2.01 -12.19 -6.10
CA GLY A 183 -3.10 -11.26 -6.32
C GLY A 183 -3.72 -10.68 -5.06
N ASP A 184 -3.59 -11.38 -3.95
CA ASP A 184 -4.11 -10.87 -2.68
C ASP A 184 -2.98 -10.35 -1.81
N TYR A 185 -2.99 -9.05 -1.55
CA TYR A 185 -1.89 -8.39 -0.86
C TYR A 185 -2.36 -7.60 0.35
N PRO A 186 -2.89 -8.29 1.36
CA PRO A 186 -3.35 -7.65 2.60
C PRO A 186 -2.23 -6.87 3.28
N LEU A 187 -2.55 -5.74 3.89
CA LEU A 187 -1.58 -4.90 4.57
C LEU A 187 -0.72 -5.71 5.53
N PHE A 188 -1.36 -6.63 6.24
CA PHE A 188 -0.67 -7.52 7.17
C PHE A 188 -0.97 -8.96 6.83
N GLY A 189 -0.08 -9.87 7.20
CA GLY A 189 -0.31 -11.29 7.02
C GLY A 189 -0.12 -11.77 5.59
N CYS A 190 0.34 -10.89 4.72
CA CYS A 190 0.65 -11.30 3.36
C CYS A 190 1.97 -12.03 3.46
N LYS A 191 1.96 -13.31 3.10
CA LYS A 191 3.04 -14.20 3.47
C LYS A 191 3.71 -14.86 2.28
N TYR A 192 5.03 -14.81 2.25
CA TYR A 192 5.82 -15.44 1.20
C TYR A 192 7.08 -16.07 1.78
N ASP A 193 7.68 -16.96 1.01
CA ASP A 193 8.92 -17.62 1.42
C ASP A 193 10.11 -17.03 0.69
N PHE A 194 11.14 -16.65 1.43
CA PHE A 194 12.34 -16.16 0.80
C PHE A 194 13.42 -17.18 0.93
N ASN A 195 13.74 -17.82 -0.18
CA ASN A 195 14.73 -18.88 -0.21
C ASN A 195 15.95 -18.46 -1.00
N LEU A 196 17.04 -18.20 -0.27
CA LEU A 196 18.32 -17.96 -0.90
C LEU A 196 18.87 -19.31 -1.33
N GLU A 197 20.06 -19.34 -1.93
CA GLU A 197 20.68 -20.63 -2.20
C GLU A 197 20.93 -21.27 -0.86
N GLY A 198 20.29 -22.41 -0.66
CA GLY A 198 20.26 -23.03 0.63
C GLY A 198 18.87 -23.61 0.84
N VAL A 199 18.47 -23.72 2.11
CA VAL A 199 17.08 -23.99 2.50
C VAL A 199 16.41 -22.70 2.98
N VAL A 200 15.12 -22.55 2.72
CA VAL A 200 14.44 -21.31 3.11
C VAL A 200 14.30 -21.26 4.63
N ASP A 201 14.88 -20.23 5.24
CA ASP A 201 14.79 -20.06 6.69
C ASP A 201 13.68 -19.08 7.04
N VAL A 202 12.59 -19.62 7.56
CA VAL A 202 11.40 -18.89 8.04
C VAL A 202 10.68 -18.16 6.91
N PRO A 203 9.36 -17.95 7.07
CA PRO A 203 8.61 -17.14 6.11
C PRO A 203 8.74 -15.65 6.40
N GLU A 204 8.62 -14.82 5.36
CA GLU A 204 8.60 -13.38 5.54
C GLU A 204 7.17 -12.85 5.34
N PHE A 205 7.01 -11.54 5.48
CA PHE A 205 5.74 -10.89 5.23
C PHE A 205 5.94 -9.63 4.41
N LEU A 206 4.90 -9.22 3.69
CA LEU A 206 5.02 -8.10 2.78
C LEU A 206 4.94 -6.77 3.53
N VAL A 207 5.96 -5.93 3.34
CA VAL A 207 5.97 -4.61 3.92
C VAL A 207 5.77 -3.54 2.85
N TYR A 208 4.59 -2.95 2.84
CA TYR A 208 4.30 -1.83 1.96
C TYR A 208 4.75 -0.57 2.68
N PHE A 209 5.76 0.10 2.13
CA PHE A 209 6.49 1.13 2.87
C PHE A 209 5.63 2.31 3.33
N PRO A 210 4.71 2.78 2.47
CA PRO A 210 3.78 3.84 2.90
C PRO A 210 3.05 3.50 4.19
N LEU A 211 2.78 2.21 4.41
CA LEU A 211 2.15 1.74 5.64
C LEU A 211 3.09 1.83 6.83
N LEU A 212 4.31 1.30 6.64
CA LEU A 212 5.34 1.34 7.68
C LEU A 212 5.63 2.77 8.10
N ASN A 213 5.61 3.68 7.12
CA ASN A 213 5.79 5.09 7.37
C ASN A 213 4.68 5.66 8.24
N GLU A 214 3.44 5.28 7.94
CA GLU A 214 2.28 5.73 8.69
C GLU A 214 2.29 5.22 10.13
N MET A 215 2.57 3.95 10.30
CA MET A 215 2.57 3.34 11.63
C MET A 215 3.70 3.88 12.49
N ALA A 216 4.78 4.33 11.84
CA ALA A 216 5.93 4.89 12.54
C ALA A 216 5.60 6.26 13.13
N LYS A 217 4.63 6.95 12.52
CA LYS A 217 4.23 8.27 12.98
C LYS A 217 3.66 8.20 14.40
N LYS A 218 3.06 7.07 14.74
CA LYS A 218 2.52 6.85 16.08
C LYS A 218 3.55 7.13 17.16
N TYR A 219 4.80 6.78 16.88
CA TYR A 219 5.91 6.92 17.81
C TYR A 219 6.67 8.23 17.60
N ASN A 220 6.07 9.12 16.81
CA ASN A 220 6.63 10.44 16.54
C ASN A 220 7.89 10.38 15.68
N MET A 221 7.88 9.50 14.69
CA MET A 221 9.00 9.36 13.75
C MET A 221 8.65 9.96 12.40
N LYS A 222 9.49 10.87 11.92
CA LYS A 222 9.35 11.40 10.56
C LYS A 222 10.42 10.78 9.66
N LEU A 223 10.03 10.46 8.43
CA LEU A 223 10.94 9.78 7.51
C LEU A 223 12.11 10.69 7.11
N VAL A 224 13.33 10.19 7.32
CA VAL A 224 14.52 10.90 6.85
C VAL A 224 14.69 10.64 5.35
N TYR A 225 14.93 9.38 4.99
CA TYR A 225 14.87 9.00 3.58
C TYR A 225 14.59 7.50 3.37
N LYS A 226 14.04 7.21 2.20
CA LYS A 226 13.79 5.83 1.76
C LYS A 226 14.34 5.66 0.34
N LYS A 227 15.28 4.75 0.18
CA LYS A 227 15.91 4.52 -1.11
C LYS A 227 16.13 3.05 -1.40
N THR A 228 15.91 2.66 -2.64
CA THR A 228 16.19 1.29 -3.08
C THR A 228 17.68 1.06 -3.07
N PHE A 229 18.10 -0.21 -3.03
CA PHE A 229 19.51 -0.55 -3.04
C PHE A 229 20.21 -0.01 -4.28
N LEU A 230 19.49 0.06 -5.39
CA LEU A 230 20.03 0.61 -6.62
C LEU A 230 20.33 2.10 -6.43
N GLU A 231 19.35 2.83 -5.92
CA GLU A 231 19.47 4.26 -5.65
C GLU A 231 20.55 4.56 -4.61
N PHE A 232 20.64 3.70 -3.60
CA PHE A 232 21.63 3.87 -2.55
C PHE A 232 23.04 3.72 -3.10
N TYR A 233 23.27 2.66 -3.87
CA TYR A 233 24.56 2.42 -4.48
C TYR A 233 24.97 3.58 -5.39
N GLU A 234 24.10 3.95 -6.32
CA GLU A 234 24.36 5.04 -7.25
C GLU A 234 24.81 6.32 -6.56
N GLU A 235 24.15 6.64 -5.46
CA GLU A 235 24.42 7.86 -4.71
C GLU A 235 25.69 7.74 -3.88
N LYS A 236 25.67 6.83 -2.91
CA LYS A 236 26.76 6.69 -1.96
C LYS A 236 28.09 6.30 -2.61
N ILE A 237 28.03 5.70 -3.80
CA ILE A 237 29.24 5.32 -4.51
C ILE A 237 29.90 6.54 -5.15
N LYS A 238 29.15 7.65 -5.24
CA LYS A 238 29.70 8.91 -5.71
C LYS A 238 30.90 9.30 -4.86
N ASN A 239 30.77 9.14 -3.56
CA ASN A 239 31.89 9.32 -2.65
C ASN A 239 32.97 8.32 -3.00
N ASN A 240 34.17 8.82 -3.27
CA ASN A 240 35.28 7.95 -3.66
C ASN A 240 35.92 7.31 -2.43
N GLU A 241 35.45 7.70 -1.25
CA GLU A 241 35.84 7.04 -0.02
C GLU A 241 35.12 5.69 0.07
N ASN A 242 33.83 5.70 -0.22
CA ASN A 242 33.00 4.51 -0.18
C ASN A 242 33.32 3.52 -1.30
N LYS A 243 33.64 4.05 -2.48
CA LYS A 243 33.96 3.21 -3.62
C LYS A 243 35.20 2.37 -3.37
N MET A 244 36.14 2.92 -2.61
CA MET A 244 37.33 2.17 -2.20
C MET A 244 36.94 1.03 -1.26
N LEU A 245 35.98 1.31 -0.38
CA LEU A 245 35.52 0.34 0.59
C LEU A 245 34.88 -0.88 -0.06
N LEU A 246 34.14 -0.65 -1.15
CA LEU A 246 33.43 -1.73 -1.83
C LEU A 246 34.41 -2.65 -2.56
N LYS A 247 35.45 -2.06 -3.15
CA LYS A 247 36.50 -2.85 -3.80
C LYS A 247 37.38 -3.53 -2.77
N ARG A 248 37.41 -2.97 -1.56
CA ARG A 248 38.16 -3.57 -0.46
C ARG A 248 37.38 -4.77 0.09
N MET A 249 36.06 -4.62 0.16
CA MET A 249 35.17 -5.69 0.58
C MET A 249 34.97 -6.68 -0.55
N GLN A 250 35.42 -6.30 -1.74
CA GLN A 250 35.35 -7.16 -2.91
C GLN A 250 33.91 -7.51 -3.25
N GLY A 251 33.03 -6.54 -3.02
CA GLY A 251 31.63 -6.61 -3.37
C GLY A 251 31.57 -6.00 -4.76
N GLY A 252 30.52 -5.24 -5.03
CA GLY A 252 30.34 -4.60 -6.33
C GLY A 252 29.90 -5.55 -7.43
N SER A 253 30.61 -5.57 -8.57
CA SER A 253 30.12 -6.29 -9.73
C SER A 253 29.90 -7.76 -9.44
N GLY A 254 28.62 -8.15 -9.52
CA GLY A 254 28.17 -9.53 -9.34
C GLY A 254 27.64 -10.08 -10.65
N SER A 255 27.20 -11.33 -10.61
CA SER A 255 26.41 -11.91 -11.69
C SER A 255 25.05 -11.20 -11.80
N LYS A 256 24.42 -11.28 -12.97
CA LYS A 256 23.12 -10.69 -13.19
C LYS A 256 22.08 -11.25 -12.22
N SER A 257 22.33 -12.46 -11.73
CA SER A 257 21.47 -13.08 -10.73
C SER A 257 21.60 -12.38 -9.38
N GLU A 258 22.83 -12.13 -8.97
CA GLU A 258 23.09 -11.44 -7.71
C GLU A 258 22.52 -10.02 -7.74
N TRP A 259 22.77 -9.33 -8.85
CA TRP A 259 22.28 -7.97 -9.02
C TRP A 259 20.75 -7.94 -9.07
N GLU A 260 20.14 -9.04 -9.49
CA GLU A 260 18.69 -9.16 -9.47
C GLU A 260 18.16 -9.30 -8.06
N ALA A 261 18.89 -10.04 -7.23
CA ALA A 261 18.52 -10.27 -5.84
C ALA A 261 18.44 -8.95 -5.08
N THR A 262 19.51 -8.16 -5.17
CA THR A 262 19.47 -6.79 -4.72
C THR A 262 18.52 -6.01 -5.63
N SER A 263 18.06 -4.85 -5.15
CA SER A 263 17.07 -4.01 -5.84
C SER A 263 15.65 -4.47 -5.50
N ILE A 264 15.54 -5.65 -4.90
CA ILE A 264 14.32 -6.06 -4.20
C ILE A 264 14.22 -5.29 -2.89
N TYR A 265 15.35 -5.19 -2.18
CA TYR A 265 15.41 -4.48 -0.90
C TYR A 265 15.55 -2.96 -1.04
N LEU A 266 15.12 -2.26 0.00
CA LEU A 266 15.31 -0.81 0.09
C LEU A 266 15.75 -0.41 1.51
N VAL A 267 16.71 0.51 1.58
CA VAL A 267 17.12 1.07 2.86
C VAL A 267 16.17 2.18 3.30
N PHE A 268 16.06 2.42 4.60
CA PHE A 268 15.20 3.49 5.11
C PHE A 268 15.71 4.03 6.43
N ALA A 269 15.29 5.24 6.77
CA ALA A 269 15.61 5.84 8.07
C ALA A 269 14.54 6.82 8.53
N PHE A 270 14.25 6.80 9.83
CA PHE A 270 13.30 7.76 10.40
C PHE A 270 14.00 8.55 11.51
N GLU A 271 13.47 9.73 11.82
CA GLU A 271 14.02 10.52 12.91
C GLU A 271 12.95 10.85 13.94
N LYS A 272 13.28 10.68 15.21
CA LYS A 272 12.36 10.97 16.30
C LYS A 272 12.29 12.48 16.54
N GLN A 273 11.07 13.02 16.57
CA GLN A 273 10.88 14.45 16.77
C GLN A 273 10.67 14.75 18.26
N GLN A 274 10.47 16.02 18.59
CA GLN A 274 10.18 16.41 19.96
C GLN A 274 8.68 16.27 20.25
N SER B 1 -16.34 13.18 -29.00
CA SER B 1 -16.09 12.55 -30.28
C SER B 1 -14.89 11.61 -30.21
N ARG B 2 -13.74 12.17 -29.85
CA ARG B 2 -12.49 11.42 -29.76
C ARG B 2 -12.48 10.38 -28.64
N ILE B 3 -13.25 10.63 -27.58
CA ILE B 3 -13.29 9.79 -26.39
C ILE B 3 -14.44 8.77 -26.43
N PHE B 4 -15.15 8.74 -27.56
CA PHE B 4 -16.40 7.98 -27.71
C PHE B 4 -16.36 6.56 -27.16
N TYR B 5 -15.54 5.71 -27.77
CA TYR B 5 -15.45 4.29 -27.38
C TYR B 5 -15.16 4.09 -25.89
N LEU B 6 -14.46 5.05 -25.28
CA LEU B 6 -14.13 4.95 -23.87
C LEU B 6 -15.34 5.29 -23.00
N ARG B 7 -16.12 6.28 -23.43
CA ARG B 7 -17.36 6.65 -22.77
C ARG B 7 -18.31 5.45 -22.73
N ASN B 8 -18.46 4.80 -23.88
CA ASN B 8 -19.31 3.63 -24.01
C ASN B 8 -18.93 2.51 -23.08
N PHE B 9 -17.63 2.21 -23.03
CA PHE B 9 -17.11 1.10 -22.24
C PHE B 9 -17.47 1.23 -20.75
N ASN B 10 -17.26 2.41 -20.18
CA ASN B 10 -17.52 2.61 -18.75
C ASN B 10 -19.00 2.38 -18.40
N ASN B 11 -19.88 2.73 -19.33
CA ASN B 11 -21.31 2.51 -19.13
C ASN B 11 -21.66 1.05 -19.39
N TRP B 12 -20.85 0.37 -20.18
CA TRP B 12 -20.97 -1.07 -20.34
C TRP B 12 -20.47 -1.76 -19.08
N MET B 13 -19.35 -1.25 -18.55
CA MET B 13 -18.77 -1.75 -17.31
C MET B 13 -19.74 -1.63 -16.13
N LYS B 14 -20.27 -0.43 -15.95
CA LYS B 14 -21.17 -0.16 -14.84
C LYS B 14 -22.48 -0.95 -14.96
N SER B 15 -22.93 -1.16 -16.20
CA SER B 15 -24.15 -1.93 -16.43
C SER B 15 -23.96 -3.40 -16.09
N VAL B 16 -22.87 -3.98 -16.59
CA VAL B 16 -22.56 -5.38 -16.33
C VAL B 16 -22.23 -5.60 -14.86
N LEU B 17 -21.55 -4.63 -14.25
CA LEU B 17 -21.23 -4.68 -12.83
C LEU B 17 -22.49 -4.63 -11.97
N ILE B 18 -23.36 -3.67 -12.25
CA ILE B 18 -24.61 -3.50 -11.54
C ILE B 18 -25.54 -4.69 -11.76
N GLY B 19 -25.66 -5.10 -13.02
CA GLY B 19 -26.52 -6.22 -13.39
C GLY B 19 -26.14 -7.51 -12.67
N GLU B 20 -24.85 -7.73 -12.49
CA GLU B 20 -24.36 -8.92 -11.80
C GLU B 20 -24.78 -8.93 -10.34
N PHE B 21 -24.58 -7.81 -9.65
CA PHE B 21 -24.85 -7.75 -8.22
C PHE B 21 -26.32 -7.53 -7.88
N LEU B 22 -27.09 -7.03 -8.84
CA LEU B 22 -28.53 -6.91 -8.65
C LEU B 22 -29.14 -8.31 -8.67
N GLU B 23 -28.49 -9.21 -9.38
CA GLU B 23 -28.93 -10.61 -9.39
C GLU B 23 -28.61 -11.28 -8.07
N LYS B 24 -27.42 -10.99 -7.53
CA LYS B 24 -27.01 -11.59 -6.26
C LYS B 24 -27.89 -11.11 -5.12
N VAL B 25 -28.36 -9.87 -5.22
CA VAL B 25 -29.29 -9.31 -4.24
C VAL B 25 -30.68 -9.92 -4.42
N ARG B 26 -31.07 -10.14 -5.67
CA ARG B 26 -32.38 -10.71 -5.97
C ARG B 26 -32.46 -12.17 -5.55
N GLN B 27 -31.30 -12.78 -5.34
CA GLN B 27 -31.26 -14.14 -4.80
C GLN B 27 -31.58 -14.12 -3.31
N LYS B 28 -31.72 -12.92 -2.74
CA LYS B 28 -32.04 -12.76 -1.32
C LYS B 28 -33.28 -11.90 -1.11
N LYS B 29 -33.20 -10.63 -1.48
CA LYS B 29 -34.34 -9.72 -1.28
C LYS B 29 -35.37 -9.86 -2.40
N LYS B 30 -36.58 -10.25 -2.01
CA LYS B 30 -37.71 -10.34 -2.93
C LYS B 30 -38.53 -9.06 -2.88
N ARG B 31 -38.03 -8.09 -2.14
CA ARG B 31 -38.75 -6.86 -1.95
C ARG B 31 -37.88 -5.63 -1.87
N ASP B 32 -38.55 -4.55 -2.14
CA ASP B 32 -38.07 -3.20 -1.84
C ASP B 32 -36.56 -3.04 -1.92
N ILE B 33 -36.03 -3.10 -3.13
CA ILE B 33 -34.59 -2.96 -3.30
C ILE B 33 -34.18 -1.49 -3.19
N THR B 34 -33.34 -1.21 -2.21
CA THR B 34 -32.90 0.15 -1.93
C THR B 34 -31.44 0.32 -2.28
N VAL B 35 -31.10 1.42 -2.96
CA VAL B 35 -29.75 1.64 -3.44
C VAL B 35 -29.26 3.07 -3.20
N LEU B 36 -27.98 3.17 -2.80
CA LEU B 36 -27.33 4.47 -2.60
C LEU B 36 -26.23 4.69 -3.63
N ASP B 37 -26.43 5.63 -4.54
CA ASP B 37 -25.40 5.97 -5.52
C ASP B 37 -24.57 7.16 -5.01
N LEU B 38 -23.32 6.89 -4.66
CA LEU B 38 -22.43 7.92 -4.14
C LEU B 38 -21.69 8.64 -5.26
N GLY B 39 -21.74 9.97 -5.25
CA GLY B 39 -21.17 10.75 -6.32
C GLY B 39 -21.92 10.46 -7.60
N CYS B 40 -23.24 10.60 -7.53
CA CYS B 40 -24.12 10.24 -8.63
C CYS B 40 -23.83 11.07 -9.89
N GLY B 41 -23.32 12.29 -9.69
CA GLY B 41 -23.02 13.17 -10.80
C GLY B 41 -24.28 13.77 -11.39
N LYS B 42 -24.34 13.81 -12.71
CA LYS B 42 -25.45 14.40 -13.39
C LYS B 42 -26.38 13.30 -13.86
N GLY B 43 -26.37 12.20 -13.14
CA GLY B 43 -27.20 11.06 -13.50
C GLY B 43 -26.45 10.25 -14.54
N GLY B 44 -27.16 9.39 -15.26
CA GLY B 44 -26.56 8.54 -16.26
C GLY B 44 -26.46 7.10 -15.78
N ASP B 45 -26.49 6.91 -14.47
CA ASP B 45 -26.71 5.59 -13.89
C ASP B 45 -28.20 5.39 -13.69
N LEU B 46 -28.97 6.47 -13.88
CA LEU B 46 -30.41 6.44 -13.71
C LEU B 46 -31.09 5.41 -14.62
N LEU B 47 -30.78 5.46 -15.91
CA LEU B 47 -31.40 4.54 -16.86
C LEU B 47 -30.84 3.13 -16.68
N LYS B 48 -29.71 3.03 -15.99
CA LYS B 48 -29.16 1.73 -15.62
C LYS B 48 -29.98 1.12 -14.49
N TRP B 49 -30.23 1.93 -13.47
CA TRP B 49 -30.99 1.49 -12.30
C TRP B 49 -32.44 1.20 -12.64
N LYS B 50 -32.99 1.94 -13.61
CA LYS B 50 -34.36 1.67 -14.05
C LYS B 50 -34.43 0.32 -14.74
N LYS B 51 -33.40 0.02 -15.54
CA LYS B 51 -33.32 -1.26 -16.23
C LYS B 51 -33.33 -2.43 -15.25
N GLY B 52 -32.75 -2.22 -14.07
CA GLY B 52 -32.67 -3.25 -13.06
C GLY B 52 -33.89 -3.29 -12.15
N ARG B 53 -34.79 -2.33 -12.32
CA ARG B 53 -36.00 -2.22 -11.50
C ARG B 53 -35.70 -2.24 -10.00
N ILE B 54 -35.02 -1.21 -9.55
CA ILE B 54 -34.82 -0.98 -8.13
C ILE B 54 -35.97 -0.13 -7.62
N ASN B 55 -36.41 -0.38 -6.40
CA ASN B 55 -37.58 0.30 -5.86
C ASN B 55 -37.26 1.66 -5.22
N LYS B 56 -35.99 1.88 -4.91
CA LYS B 56 -35.56 3.17 -4.35
C LYS B 56 -34.11 3.48 -4.70
N LEU B 57 -33.81 4.77 -4.91
CA LEU B 57 -32.46 5.20 -5.23
C LEU B 57 -32.06 6.50 -4.53
N VAL B 58 -31.00 6.48 -3.75
CA VAL B 58 -30.53 7.72 -3.14
C VAL B 58 -29.33 8.26 -3.91
N CYS B 59 -29.56 9.37 -4.63
CA CYS B 59 -28.50 10.00 -5.41
C CYS B 59 -27.88 11.17 -4.64
N THR B 60 -26.57 11.09 -4.41
CA THR B 60 -25.85 12.14 -3.68
C THR B 60 -24.55 12.52 -4.38
N ASP B 61 -24.30 13.82 -4.49
CA ASP B 61 -23.06 14.37 -5.02
C ASP B 61 -22.74 15.66 -4.28
N ILE B 62 -21.45 15.98 -4.16
CA ILE B 62 -21.03 17.18 -3.45
C ILE B 62 -21.38 18.44 -4.24
N ALA B 63 -21.42 18.31 -5.56
CA ALA B 63 -21.82 19.42 -6.42
C ALA B 63 -23.33 19.53 -6.45
N ASP B 64 -23.85 20.67 -6.01
CA ASP B 64 -25.30 20.88 -5.96
C ASP B 64 -25.88 20.97 -7.36
N VAL B 65 -25.06 21.42 -8.31
CA VAL B 65 -25.48 21.51 -9.70
C VAL B 65 -25.78 20.13 -10.25
N SER B 66 -24.86 19.20 -10.01
CA SER B 66 -25.00 17.83 -10.50
C SER B 66 -26.21 17.13 -9.91
N VAL B 67 -26.50 17.40 -8.63
CA VAL B 67 -27.62 16.77 -7.94
C VAL B 67 -28.96 17.27 -8.50
N LYS B 68 -29.13 18.58 -8.54
CA LYS B 68 -30.32 19.18 -9.14
C LYS B 68 -30.45 18.77 -10.60
N GLN B 69 -29.31 18.64 -11.27
CA GLN B 69 -29.26 18.22 -12.67
C GLN B 69 -29.72 16.77 -12.80
N CYS B 70 -29.16 15.91 -11.95
CA CYS B 70 -29.54 14.50 -11.92
C CYS B 70 -31.02 14.32 -11.60
N GLN B 71 -31.55 15.18 -10.74
CA GLN B 71 -32.94 15.11 -10.35
C GLN B 71 -33.85 15.37 -11.55
N GLN B 72 -33.35 16.11 -12.52
CA GLN B 72 -34.13 16.41 -13.72
C GLN B 72 -34.21 15.21 -14.65
N ARG B 73 -33.09 14.50 -14.81
CA ARG B 73 -33.06 13.28 -15.60
C ARG B 73 -34.07 12.27 -15.06
N TYR B 74 -34.14 12.19 -13.73
CA TYR B 74 -35.12 11.32 -13.07
C TYR B 74 -36.53 11.75 -13.43
N GLU B 75 -36.81 13.04 -13.28
CA GLU B 75 -38.13 13.58 -13.58
C GLU B 75 -38.49 13.44 -15.06
N ASP B 76 -37.48 13.57 -15.92
CA ASP B 76 -37.69 13.42 -17.36
C ASP B 76 -38.13 12.00 -17.68
N MET B 77 -37.39 11.03 -17.16
CA MET B 77 -37.75 9.62 -17.32
C MET B 77 -39.03 9.32 -16.55
N LYS B 78 -39.32 9.95 -15.35
CA LYS B 78 -40.48 9.71 -14.52
C LYS B 78 -41.79 10.20 -15.14
N ASN B 79 -41.75 11.36 -15.80
CA ASN B 79 -42.96 12.07 -16.22
C ASN B 79 -43.53 11.69 -17.60
N ARG B 80 -42.98 10.67 -18.24
CA ARG B 80 -43.63 10.11 -19.42
C ARG B 80 -45.04 9.68 -19.04
N ARG B 81 -45.99 9.75 -19.96
CA ARG B 81 -47.36 9.38 -19.63
C ARG B 81 -47.51 7.85 -19.65
N ASP B 82 -46.40 7.15 -19.87
CA ASP B 82 -46.38 5.70 -20.04
C ASP B 82 -46.69 4.93 -18.77
N SER B 83 -46.68 3.60 -18.87
CA SER B 83 -46.88 2.78 -17.68
C SER B 83 -45.60 2.61 -16.86
N GLU B 84 -44.44 2.74 -17.50
CA GLU B 84 -43.21 2.21 -16.91
C GLU B 84 -42.96 2.66 -15.47
N TYR B 85 -43.23 1.86 -14.46
CA TYR B 85 -42.81 2.02 -13.08
C TYR B 85 -41.33 2.41 -12.99
N ILE B 86 -41.03 3.29 -12.04
CA ILE B 86 -39.67 3.72 -11.77
C ILE B 86 -39.43 3.77 -10.26
N PHE B 87 -38.16 3.74 -9.87
CA PHE B 87 -37.78 3.74 -8.46
C PHE B 87 -38.17 5.04 -7.76
N SER B 88 -38.61 4.94 -6.52
CA SER B 88 -38.75 6.11 -5.68
C SER B 88 -37.35 6.65 -5.43
N ALA B 89 -37.12 7.94 -5.69
CA ALA B 89 -35.77 8.44 -5.58
C ALA B 89 -35.61 9.44 -4.43
N GLU B 90 -34.40 9.90 -4.24
CA GLU B 90 -34.15 10.87 -3.22
C GLU B 90 -32.90 11.54 -3.67
N PHE B 91 -32.83 12.85 -3.54
CA PHE B 91 -31.64 13.55 -3.93
C PHE B 91 -31.07 14.38 -2.82
N ILE B 92 -29.83 14.11 -2.52
CA ILE B 92 -29.09 14.72 -1.41
C ILE B 92 -27.75 15.29 -1.84
N THR B 93 -27.58 16.59 -1.67
CA THR B 93 -26.31 17.26 -1.93
C THR B 93 -25.48 17.36 -0.66
N ALA B 94 -24.37 16.62 -0.62
CA ALA B 94 -23.50 16.61 0.55
C ALA B 94 -22.10 16.15 0.17
N ASP B 95 -21.12 16.47 1.00
CA ASP B 95 -19.77 15.95 0.83
C ASP B 95 -19.67 14.68 1.67
N SER B 96 -19.63 13.54 1.00
CA SER B 96 -19.72 12.25 1.70
C SER B 96 -18.41 11.88 2.39
N SER B 97 -17.36 12.61 2.08
CA SER B 97 -16.08 12.45 2.78
C SER B 97 -16.11 13.20 4.10
N LYS B 98 -16.66 14.41 4.08
CA LYS B 98 -16.76 15.24 5.28
C LYS B 98 -18.15 15.30 5.93
N GLU B 99 -19.15 14.64 5.36
CA GLU B 99 -20.49 14.69 5.96
C GLU B 99 -21.06 13.30 6.24
N LEU B 100 -22.05 13.27 7.13
CA LEU B 100 -22.73 12.02 7.46
C LEU B 100 -24.09 11.99 6.78
N LEU B 101 -24.22 11.11 5.78
CA LEU B 101 -25.43 11.02 4.98
C LEU B 101 -26.64 10.61 5.80
N ILE B 102 -26.38 9.89 6.90
CA ILE B 102 -27.43 9.40 7.78
C ILE B 102 -28.31 10.53 8.32
N ASP B 103 -27.73 11.72 8.46
CA ASP B 103 -28.47 12.89 8.95
C ASP B 103 -29.32 13.51 7.84
N LYS B 104 -28.90 13.30 6.60
CA LYS B 104 -29.57 13.90 5.45
C LYS B 104 -30.70 13.04 4.89
N PHE B 105 -30.78 11.78 5.32
CA PHE B 105 -31.79 10.87 4.81
C PHE B 105 -33.20 11.27 5.25
N ARG B 106 -34.17 11.04 4.38
CA ARG B 106 -35.57 11.22 4.74
C ARG B 106 -35.90 10.25 5.86
N ASP B 107 -35.53 8.99 5.65
CA ASP B 107 -35.56 7.99 6.71
C ASP B 107 -34.13 7.74 7.18
N PRO B 108 -33.78 8.24 8.37
CA PRO B 108 -32.43 8.09 8.94
C PRO B 108 -32.11 6.65 9.36
N GLN B 109 -33.15 5.83 9.52
CA GLN B 109 -32.97 4.42 9.86
C GLN B 109 -32.87 3.58 8.60
N MET B 110 -32.78 4.26 7.46
CA MET B 110 -32.71 3.62 6.14
C MET B 110 -31.61 2.57 6.00
N CYS B 111 -31.92 1.50 5.28
CA CYS B 111 -30.93 0.47 4.94
C CYS B 111 -30.81 0.33 3.42
N PHE B 112 -29.61 -0.03 2.96
CA PHE B 112 -29.37 -0.19 1.52
C PHE B 112 -28.98 -1.62 1.16
N ASP B 113 -29.54 -2.12 0.06
CA ASP B 113 -29.14 -3.40 -0.49
C ASP B 113 -27.86 -3.25 -1.29
N ILE B 114 -27.67 -2.10 -1.91
CA ILE B 114 -26.49 -1.82 -2.72
C ILE B 114 -26.02 -0.38 -2.58
N CYS B 115 -24.70 -0.20 -2.52
CA CYS B 115 -24.11 1.14 -2.54
C CYS B 115 -23.15 1.24 -3.72
N SER B 116 -23.46 2.13 -4.65
CA SER B 116 -22.63 2.24 -5.85
C SER B 116 -21.80 3.52 -5.85
N CYS B 117 -20.48 3.33 -5.75
CA CYS B 117 -19.53 4.43 -5.92
C CYS B 117 -18.76 4.27 -7.23
N GLN B 118 -19.11 5.06 -8.23
CA GLN B 118 -18.49 4.92 -9.54
C GLN B 118 -17.55 6.09 -9.84
N PHE B 119 -16.26 5.81 -9.81
CA PHE B 119 -15.24 6.82 -10.07
C PHE B 119 -15.38 7.98 -9.10
N VAL B 120 -15.49 7.64 -7.82
CA VAL B 120 -15.69 8.60 -6.74
C VAL B 120 -14.67 8.41 -5.62
N CYS B 121 -14.63 7.20 -5.08
CA CYS B 121 -13.90 6.88 -3.86
C CYS B 121 -12.47 7.45 -3.81
N HIS B 122 -11.78 7.45 -4.93
CA HIS B 122 -10.41 7.98 -4.97
C HIS B 122 -10.32 9.45 -4.55
N TYR B 123 -11.45 10.17 -4.62
CA TYR B 123 -11.49 11.57 -4.19
C TYR B 123 -11.48 11.71 -2.67
N SER B 124 -11.90 10.67 -1.97
CA SER B 124 -12.06 10.73 -0.53
C SER B 124 -10.76 10.53 0.26
N PHE B 125 -9.71 10.16 -0.44
CA PHE B 125 -8.46 9.73 0.20
C PHE B 125 -7.50 10.88 0.46
N GLU B 126 -7.96 12.10 0.25
CA GLU B 126 -7.23 13.30 0.64
C GLU B 126 -6.70 13.18 2.08
N SER B 127 -7.51 12.57 2.95
CA SER B 127 -7.11 12.30 4.33
C SER B 127 -7.80 11.05 4.86
N TYR B 128 -7.26 10.48 5.95
CA TYR B 128 -7.86 9.31 6.58
C TYR B 128 -9.30 9.58 7.02
N GLU B 129 -9.49 10.68 7.74
CA GLU B 129 -10.81 11.04 8.25
C GLU B 129 -11.83 11.13 7.13
N GLN B 130 -11.43 11.73 6.01
CA GLN B 130 -12.30 11.82 4.84
C GLN B 130 -12.52 10.47 4.19
N ALA B 131 -11.43 9.74 3.98
CA ALA B 131 -11.49 8.42 3.34
C ALA B 131 -12.30 7.43 4.16
N ASP B 132 -12.25 7.57 5.48
CA ASP B 132 -13.00 6.68 6.36
C ASP B 132 -14.48 7.04 6.36
N MET B 133 -14.78 8.33 6.32
CA MET B 133 -16.16 8.80 6.35
C MET B 133 -16.92 8.41 5.08
N MET B 134 -16.23 8.38 3.96
CA MET B 134 -16.85 7.95 2.70
C MET B 134 -17.22 6.48 2.78
N LEU B 135 -16.30 5.66 3.29
CA LEU B 135 -16.57 4.24 3.51
C LEU B 135 -17.71 4.06 4.50
N ARG B 136 -17.77 4.94 5.48
CA ARG B 136 -18.82 4.89 6.49
C ARG B 136 -20.19 5.11 5.87
N ASN B 137 -20.35 6.23 5.17
CA ASN B 137 -21.63 6.56 4.53
C ASN B 137 -22.12 5.42 3.65
N ALA B 138 -21.22 4.89 2.83
CA ALA B 138 -21.51 3.74 1.98
C ALA B 138 -21.92 2.50 2.77
N CYS B 139 -20.96 1.95 3.50
CA CYS B 139 -21.09 0.61 4.07
C CYS B 139 -21.85 0.50 5.38
N GLU B 140 -21.97 1.60 6.14
CA GLU B 140 -22.61 1.55 7.46
C GLU B 140 -24.10 1.23 7.35
N ARG B 141 -24.71 1.65 6.25
CA ARG B 141 -26.16 1.49 6.09
C ARG B 141 -26.52 0.25 5.29
N LEU B 142 -25.51 -0.52 4.87
CA LEU B 142 -25.77 -1.74 4.10
C LEU B 142 -26.20 -2.89 4.99
N SER B 143 -27.45 -3.34 4.83
CA SER B 143 -27.95 -4.47 5.59
C SER B 143 -27.09 -5.68 5.22
N PRO B 144 -26.93 -6.62 6.16
CA PRO B 144 -26.04 -7.78 5.96
C PRO B 144 -26.37 -8.54 4.68
N GLY B 145 -25.36 -8.79 3.86
CA GLY B 145 -25.55 -9.43 2.58
C GLY B 145 -25.56 -8.42 1.46
N GLY B 146 -25.70 -7.14 1.82
CA GLY B 146 -25.64 -6.05 0.87
C GLY B 146 -24.25 -5.88 0.30
N TYR B 147 -24.15 -5.13 -0.79
CA TYR B 147 -22.87 -4.99 -1.48
C TYR B 147 -22.41 -3.54 -1.63
N PHE B 148 -21.12 -3.33 -1.44
CA PHE B 148 -20.48 -2.06 -1.72
C PHE B 148 -19.66 -2.21 -3.00
N ILE B 149 -20.13 -1.63 -4.09
CA ILE B 149 -19.51 -1.83 -5.39
C ILE B 149 -18.99 -0.51 -5.96
N GLY B 150 -17.96 -0.57 -6.81
CA GLY B 150 -17.45 0.63 -7.43
C GLY B 150 -16.20 0.50 -8.27
N THR B 151 -15.73 1.65 -8.76
CA THR B 151 -14.56 1.70 -9.62
C THR B 151 -13.64 2.83 -9.22
N THR B 152 -12.35 2.50 -9.09
CA THR B 152 -11.34 3.46 -8.70
C THR B 152 -10.03 3.09 -9.41
N PRO B 153 -9.16 4.09 -9.61
CA PRO B 153 -7.86 3.85 -10.26
C PRO B 153 -7.07 2.75 -9.58
N ASN B 154 -6.28 2.02 -10.37
CA ASN B 154 -5.45 0.96 -9.83
C ASN B 154 -4.09 1.55 -9.46
N SER B 155 -3.80 1.54 -8.16
CA SER B 155 -2.59 2.16 -7.61
C SER B 155 -1.32 1.55 -8.16
N PHE B 156 -1.26 0.25 -8.36
CA PHE B 156 -0.05 -0.26 -8.92
C PHE B 156 0.05 0.47 -10.21
N GLU B 157 -0.88 0.15 -11.09
CA GLU B 157 -0.78 0.56 -12.49
C GLU B 157 -0.47 2.05 -12.66
N LEU B 158 -1.02 2.89 -11.78
CA LEU B 158 -0.73 4.31 -11.80
C LEU B 158 0.74 4.60 -11.58
N ILE B 159 1.29 4.03 -10.51
CA ILE B 159 2.69 4.23 -10.17
C ILE B 159 3.59 3.62 -11.23
N ARG B 160 3.21 2.46 -11.74
CA ARG B 160 3.95 1.77 -12.78
C ARG B 160 4.25 2.68 -13.98
N ARG B 161 3.26 3.48 -14.38
CA ARG B 161 3.44 4.38 -15.52
C ARG B 161 4.27 5.60 -15.14
N LEU B 162 4.07 6.06 -13.91
CA LEU B 162 4.79 7.20 -13.37
C LEU B 162 6.29 6.91 -13.28
N GLU B 163 6.63 5.76 -12.71
CA GLU B 163 8.02 5.37 -12.54
C GLU B 163 8.70 5.13 -13.89
N ALA B 164 7.91 4.71 -14.88
CA ALA B 164 8.42 4.52 -16.23
C ALA B 164 8.66 5.88 -16.89
N SER B 165 7.78 6.83 -16.61
CA SER B 165 7.88 8.18 -17.16
C SER B 165 9.14 8.90 -16.69
N GLU B 166 9.64 9.81 -17.53
CA GLU B 166 10.79 10.62 -17.18
C GLU B 166 10.41 11.70 -16.18
N THR B 167 9.31 12.41 -16.48
CA THR B 167 8.82 13.46 -15.59
C THR B 167 7.71 12.93 -14.71
N GLU B 168 7.11 13.81 -13.91
CA GLU B 168 5.99 13.43 -13.05
C GLU B 168 4.71 13.24 -13.86
N SER B 169 4.67 13.83 -15.05
CA SER B 169 3.53 13.67 -15.97
C SER B 169 3.68 12.40 -16.82
N PHE B 170 2.55 11.76 -17.12
CA PHE B 170 2.53 10.64 -18.06
C PHE B 170 1.15 10.52 -18.70
N GLY B 171 1.08 9.88 -19.87
CA GLY B 171 -0.17 9.69 -20.57
C GLY B 171 -0.04 9.63 -22.08
N ASN B 172 -1.15 9.95 -22.77
CA ASN B 172 -1.18 9.99 -24.23
C ASN B 172 -2.07 11.15 -24.71
N GLU B 173 -2.39 11.17 -26.00
CA GLU B 173 -3.15 12.30 -26.55
C GLU B 173 -4.54 12.44 -25.93
N ILE B 174 -5.14 11.32 -25.52
CA ILE B 174 -6.49 11.36 -24.98
C ILE B 174 -6.55 11.71 -23.49
N TYR B 175 -5.46 11.50 -22.76
CA TYR B 175 -5.46 11.76 -21.32
C TYR B 175 -4.07 12.07 -20.78
N THR B 176 -4.03 12.83 -19.68
CA THR B 176 -2.77 13.18 -19.03
C THR B 176 -2.90 13.10 -17.51
N VAL B 177 -1.97 12.37 -16.89
CA VAL B 177 -1.94 12.26 -15.44
C VAL B 177 -0.67 12.90 -14.88
N LYS B 178 -0.84 13.89 -14.00
CA LYS B 178 0.29 14.63 -13.45
C LYS B 178 0.38 14.50 -11.94
N PHE B 179 1.42 13.83 -11.46
CA PHE B 179 1.67 13.75 -10.02
C PHE B 179 2.41 14.98 -9.53
N GLN B 180 2.09 15.43 -8.32
CA GLN B 180 2.75 16.59 -7.74
C GLN B 180 4.21 16.26 -7.43
N LYS B 181 4.43 15.03 -6.96
CA LYS B 181 5.78 14.52 -6.74
C LYS B 181 5.87 13.03 -7.04
N LYS B 182 6.98 12.63 -7.66
CA LYS B 182 7.24 11.23 -7.97
C LYS B 182 8.00 10.54 -6.84
N GLY B 183 7.68 9.27 -6.60
CA GLY B 183 8.41 8.46 -5.64
C GLY B 183 7.86 8.47 -4.22
N ASP B 184 7.13 9.51 -3.86
CA ASP B 184 6.50 9.58 -2.54
C ASP B 184 5.01 9.29 -2.64
N TYR B 185 4.60 8.18 -2.04
CA TYR B 185 3.24 7.68 -2.19
C TYR B 185 2.56 7.45 -0.85
N PRO B 186 2.33 8.54 -0.10
CA PRO B 186 1.67 8.46 1.20
C PRO B 186 0.28 7.82 1.10
N LEU B 187 -0.10 7.02 2.10
CA LEU B 187 -1.37 6.30 2.08
C LEU B 187 -2.53 7.25 1.78
N PHE B 188 -2.48 8.45 2.36
CA PHE B 188 -3.47 9.48 2.11
C PHE B 188 -2.79 10.74 1.62
N GLY B 189 -3.55 11.60 0.95
CA GLY B 189 -3.03 12.88 0.50
C GLY B 189 -2.04 12.78 -0.64
N CYS B 190 -1.87 11.59 -1.20
CA CYS B 190 -1.04 11.46 -2.38
C CYS B 190 -1.87 11.98 -3.52
N LYS B 191 -1.40 13.04 -4.17
CA LYS B 191 -2.26 13.84 -5.02
C LYS B 191 -1.73 13.93 -6.45
N TYR B 192 -2.62 13.65 -7.40
CA TYR B 192 -2.28 13.77 -8.80
C TYR B 192 -3.45 14.38 -9.57
N ASP B 193 -3.16 14.88 -10.76
CA ASP B 193 -4.19 15.46 -11.62
C ASP B 193 -4.58 14.49 -12.72
N PHE B 194 -5.86 14.24 -12.89
CA PHE B 194 -6.28 13.40 -13.98
C PHE B 194 -7.00 14.24 -14.99
N ASN B 195 -6.32 14.55 -16.07
CA ASN B 195 -6.82 15.42 -17.12
C ASN B 195 -7.18 14.60 -18.36
N LEU B 196 -8.47 14.50 -18.61
CA LEU B 196 -8.95 13.88 -19.83
C LEU B 196 -8.84 14.91 -20.94
N GLU B 197 -9.14 14.50 -22.16
CA GLU B 197 -9.26 15.45 -23.25
C GLU B 197 -10.42 16.36 -22.91
N GLY B 198 -10.30 17.66 -23.21
CA GLY B 198 -11.28 18.59 -22.71
C GLY B 198 -11.20 18.75 -21.19
N VAL B 199 -12.30 18.42 -20.50
CA VAL B 199 -12.46 18.72 -19.08
C VAL B 199 -11.31 18.25 -18.19
N VAL B 200 -10.71 19.20 -17.47
CA VAL B 200 -9.56 18.90 -16.60
C VAL B 200 -9.97 18.64 -15.15
N ASP B 201 -11.29 18.59 -14.90
CA ASP B 201 -11.83 18.88 -13.57
C ASP B 201 -11.19 18.10 -12.43
N VAL B 202 -10.69 18.88 -11.47
CA VAL B 202 -10.33 18.47 -10.11
C VAL B 202 -9.15 17.51 -10.02
N PRO B 203 -8.43 17.57 -8.88
CA PRO B 203 -7.39 16.61 -8.54
C PRO B 203 -7.96 15.33 -7.94
N GLU B 204 -7.27 14.22 -8.14
CA GLU B 204 -7.64 12.96 -7.53
C GLU B 204 -6.65 12.61 -6.41
N PHE B 205 -6.87 11.46 -5.77
CA PHE B 205 -5.95 10.96 -4.77
C PHE B 205 -5.68 9.48 -5.00
N LEU B 206 -4.52 9.01 -4.57
CA LEU B 206 -4.12 7.64 -4.84
C LEU B 206 -4.81 6.66 -3.89
N VAL B 207 -5.49 5.69 -4.47
CA VAL B 207 -6.09 4.61 -3.69
C VAL B 207 -5.31 3.32 -3.85
N TYR B 208 -4.61 2.95 -2.78
CA TYR B 208 -3.93 1.66 -2.72
C TYR B 208 -4.94 0.66 -2.17
N PHE B 209 -5.34 -0.30 -2.98
CA PHE B 209 -6.52 -1.10 -2.70
C PHE B 209 -6.44 -1.90 -1.40
N PRO B 210 -5.27 -2.49 -1.09
CA PRO B 210 -5.10 -3.18 0.19
C PRO B 210 -5.48 -2.31 1.39
N LEU B 211 -5.25 -1.00 1.27
CA LEU B 211 -5.65 -0.06 2.30
C LEU B 211 -7.16 0.11 2.37
N LEU B 212 -7.77 0.35 1.21
CA LEU B 212 -9.22 0.51 1.11
C LEU B 212 -9.92 -0.72 1.66
N ASN B 213 -9.34 -1.88 1.38
CA ASN B 213 -9.84 -3.15 1.88
C ASN B 213 -9.79 -3.20 3.41
N GLU B 214 -8.68 -2.73 3.98
CA GLU B 214 -8.50 -2.75 5.42
C GLU B 214 -9.45 -1.79 6.14
N MET B 215 -9.61 -0.60 5.59
CA MET B 215 -10.48 0.41 6.19
C MET B 215 -11.95 -0.01 6.10
N ALA B 216 -12.28 -0.81 5.08
CA ALA B 216 -13.65 -1.27 4.88
C ALA B 216 -14.04 -2.30 5.94
N LYS B 217 -13.05 -2.99 6.50
CA LYS B 217 -13.29 -4.01 7.51
C LYS B 217 -13.92 -3.40 8.76
N LYS B 218 -13.59 -2.14 9.02
CA LYS B 218 -14.16 -1.40 10.14
C LYS B 218 -15.69 -1.46 10.16
N TYR B 219 -16.27 -1.42 8.96
CA TYR B 219 -17.72 -1.40 8.80
C TYR B 219 -18.28 -2.80 8.56
N ASN B 220 -17.43 -3.80 8.80
CA ASN B 220 -17.79 -5.22 8.67
C ASN B 220 -18.01 -5.62 7.21
N MET B 221 -17.16 -5.11 6.33
CA MET B 221 -17.21 -5.44 4.91
C MET B 221 -16.08 -6.39 4.53
N LYS B 222 -16.42 -7.52 3.91
CA LYS B 222 -15.41 -8.42 3.37
C LYS B 222 -15.42 -8.38 1.85
N LEU B 223 -14.24 -8.40 1.26
CA LEU B 223 -14.11 -8.24 -0.19
C LEU B 223 -14.76 -9.39 -0.95
N VAL B 224 -15.64 -9.05 -1.88
CA VAL B 224 -16.22 -10.05 -2.78
C VAL B 224 -15.24 -10.34 -3.90
N TYR B 225 -14.96 -9.32 -4.73
CA TYR B 225 -13.86 -9.42 -5.68
C TYR B 225 -13.31 -8.06 -6.11
N LYS B 226 -12.05 -8.07 -6.54
CA LYS B 226 -11.38 -6.90 -7.10
C LYS B 226 -10.72 -7.29 -8.42
N LYS B 227 -11.10 -6.62 -9.50
CA LYS B 227 -10.57 -6.94 -10.82
C LYS B 227 -10.33 -5.70 -11.66
N THR B 228 -9.21 -5.69 -12.39
CA THR B 228 -8.90 -4.62 -13.31
C THR B 228 -9.88 -4.62 -14.47
N PHE B 229 -10.00 -3.47 -15.14
CA PHE B 229 -10.90 -3.34 -16.28
C PHE B 229 -10.57 -4.32 -17.39
N LEU B 230 -9.29 -4.66 -17.53
CA LEU B 230 -8.86 -5.64 -18.53
C LEU B 230 -9.29 -7.05 -18.14
N GLU B 231 -9.17 -7.37 -16.86
CA GLU B 231 -9.60 -8.66 -16.33
C GLU B 231 -11.11 -8.79 -16.39
N PHE B 232 -11.80 -7.70 -16.07
CA PHE B 232 -13.26 -7.67 -16.08
C PHE B 232 -13.78 -7.89 -17.49
N TYR B 233 -13.23 -7.15 -18.45
CA TYR B 233 -13.63 -7.29 -19.84
C TYR B 233 -13.41 -8.71 -20.34
N GLU B 234 -12.20 -9.23 -20.16
CA GLU B 234 -11.86 -10.59 -20.58
C GLU B 234 -12.85 -11.63 -20.05
N GLU B 235 -13.22 -11.49 -18.79
CA GLU B 235 -14.12 -12.43 -18.13
C GLU B 235 -15.57 -12.23 -18.55
N LYS B 236 -16.12 -11.06 -18.25
CA LYS B 236 -17.53 -10.79 -18.49
C LYS B 236 -17.91 -10.82 -19.97
N ILE B 237 -16.93 -10.68 -20.86
CA ILE B 237 -17.19 -10.73 -22.29
C ILE B 237 -17.34 -12.18 -22.77
N LYS B 238 -16.94 -13.13 -21.93
CA LYS B 238 -17.16 -14.55 -22.23
C LYS B 238 -18.65 -14.79 -22.45
N ASN B 239 -19.46 -14.21 -21.58
CA ASN B 239 -20.91 -14.23 -21.77
C ASN B 239 -21.24 -13.55 -23.09
N ASN B 240 -21.93 -14.28 -23.97
CA ASN B 240 -22.29 -13.75 -25.28
C ASN B 240 -23.52 -12.87 -25.19
N GLU B 241 -24.12 -12.80 -24.00
CA GLU B 241 -25.19 -11.86 -23.73
C GLU B 241 -24.57 -10.47 -23.59
N ASN B 242 -23.49 -10.39 -22.83
CA ASN B 242 -22.79 -9.13 -22.59
C ASN B 242 -22.08 -8.61 -23.83
N LYS B 243 -21.53 -9.52 -24.62
CA LYS B 243 -20.81 -9.15 -25.83
C LYS B 243 -21.73 -8.46 -26.83
N MET B 244 -23.00 -8.85 -26.83
CA MET B 244 -24.00 -8.20 -27.68
C MET B 244 -24.25 -6.78 -27.18
N LEU B 245 -24.23 -6.62 -25.85
CA LEU B 245 -24.50 -5.34 -25.21
C LEU B 245 -23.45 -4.30 -25.55
N LEU B 246 -22.19 -4.74 -25.63
CA LEU B 246 -21.08 -3.84 -25.89
C LEU B 246 -21.09 -3.35 -27.34
N LYS B 247 -21.47 -4.23 -28.25
CA LYS B 247 -21.61 -3.84 -29.66
C LYS B 247 -22.88 -3.03 -29.85
N ARG B 248 -23.84 -3.22 -28.95
CA ARG B 248 -25.06 -2.42 -28.96
C ARG B 248 -24.77 -1.02 -28.46
N MET B 249 -23.92 -0.94 -27.44
CA MET B 249 -23.48 0.33 -26.87
C MET B 249 -22.38 0.94 -27.74
N GLN B 250 -21.89 0.17 -28.69
CA GLN B 250 -20.89 0.63 -29.64
C GLN B 250 -19.62 1.10 -28.92
N GLY B 251 -19.32 0.38 -27.84
CA GLY B 251 -18.11 0.53 -27.07
C GLY B 251 -17.16 -0.48 -27.69
N GLY B 252 -16.38 -1.13 -26.85
CA GLY B 252 -15.42 -2.11 -27.33
C GLY B 252 -14.22 -1.50 -28.00
N SER B 253 -13.95 -1.90 -29.25
CA SER B 253 -12.67 -1.54 -29.83
C SER B 253 -12.55 -0.03 -30.00
N GLY B 254 -11.59 0.51 -29.25
CA GLY B 254 -11.18 1.90 -29.33
C GLY B 254 -9.78 2.00 -29.90
N SER B 255 -9.28 3.22 -30.03
CA SER B 255 -7.88 3.44 -30.36
C SER B 255 -6.99 3.00 -29.19
N LYS B 256 -5.72 2.74 -29.48
CA LYS B 256 -4.75 2.29 -28.49
C LYS B 256 -4.66 3.29 -27.33
N SER B 257 -4.98 4.54 -27.61
CA SER B 257 -5.02 5.58 -26.59
C SER B 257 -6.15 5.35 -25.60
N GLU B 258 -7.32 5.04 -26.14
CA GLU B 258 -8.50 4.78 -25.30
C GLU B 258 -8.33 3.54 -24.45
N TRP B 259 -7.72 2.51 -25.02
CA TRP B 259 -7.46 1.27 -24.28
C TRP B 259 -6.52 1.56 -23.12
N GLU B 260 -5.41 2.25 -23.41
CA GLU B 260 -4.43 2.60 -22.40
C GLU B 260 -5.06 3.28 -21.20
N ALA B 261 -6.11 4.08 -21.45
CA ALA B 261 -6.76 4.81 -20.38
C ALA B 261 -7.53 3.89 -19.43
N THR B 262 -8.33 2.98 -19.99
CA THR B 262 -9.21 2.11 -19.20
C THR B 262 -8.49 1.17 -18.21
N SER B 263 -7.39 0.55 -18.65
CA SER B 263 -6.65 -0.42 -17.84
C SER B 263 -6.15 0.14 -16.51
N ILE B 264 -6.13 1.48 -16.40
CA ILE B 264 -5.76 2.14 -15.17
C ILE B 264 -6.75 1.81 -14.05
N TYR B 265 -8.04 1.80 -14.39
CA TYR B 265 -9.09 1.57 -13.40
C TYR B 265 -9.32 0.09 -13.07
N LEU B 266 -9.87 -0.15 -11.88
CA LEU B 266 -10.29 -1.48 -11.47
C LEU B 266 -11.65 -1.45 -10.77
N VAL B 267 -12.50 -2.43 -11.07
CA VAL B 267 -13.76 -2.60 -10.34
C VAL B 267 -13.56 -3.35 -9.03
N PHE B 268 -14.46 -3.11 -8.08
CA PHE B 268 -14.38 -3.80 -6.80
C PHE B 268 -15.75 -3.96 -6.16
N ALA B 269 -15.88 -4.92 -5.25
CA ALA B 269 -17.11 -5.11 -4.50
C ALA B 269 -16.86 -5.71 -3.12
N PHE B 270 -17.59 -5.23 -2.13
CA PHE B 270 -17.51 -5.78 -0.78
C PHE B 270 -18.89 -6.26 -0.35
N GLU B 271 -18.93 -7.17 0.62
CA GLU B 271 -20.21 -7.64 1.14
C GLU B 271 -20.27 -7.44 2.66
N LYS B 272 -21.38 -6.89 3.13
CA LYS B 272 -21.58 -6.68 4.56
C LYS B 272 -21.91 -7.99 5.25
N GLN B 273 -21.18 -8.30 6.32
CA GLN B 273 -21.40 -9.53 7.07
C GLN B 273 -22.41 -9.29 8.20
N GLN B 274 -22.72 -10.34 8.95
CA GLN B 274 -23.62 -10.22 10.10
C GLN B 274 -22.88 -9.70 11.32
#